data_1KCP
#
_entry.id   1KCP
#
_cell.length_a   1.000
_cell.length_b   1.000
_cell.length_c   1.000
_cell.angle_alpha   90.00
_cell.angle_beta   90.00
_cell.angle_gamma   90.00
#
_symmetry.space_group_name_H-M   'P 1'
#
_entity_poly.entity_id   1
_entity_poly.type   'polypeptide(L)'
_entity_poly.pdbx_seq_one_letter_code
;CRI(HYP)NQKCFQHLDDCCSRKCNRFNKCV(NH2)
;
_entity_poly.pdbx_strand_id   A
#
# COMPACT_ATOMS: atom_id res chain seq x y z
N CYS A 1 -5.89 -4.05 -7.91
CA CYS A 1 -5.09 -3.40 -6.81
C CYS A 1 -5.63 -3.72 -5.43
N ARG A 2 -4.82 -3.37 -4.40
CA ARG A 2 -5.16 -3.38 -2.99
C ARG A 2 -5.75 -2.03 -2.59
N ILE A 3 -6.72 -2.03 -1.64
CA ILE A 3 -7.44 -0.87 -1.15
C ILE A 3 -6.73 -0.06 -0.05
N ASN A 5 -5.92 1.64 3.52
CA ASN A 5 -6.00 1.27 4.92
C ASN A 5 -5.72 -0.20 5.23
N GLN A 6 -5.60 -1.08 4.20
CA GLN A 6 -5.21 -2.49 4.34
C GLN A 6 -3.70 -2.63 4.16
N LYS A 7 -3.18 -3.75 4.70
CA LYS A 7 -1.79 -4.17 4.82
C LYS A 7 -0.99 -4.44 3.54
N CYS A 8 0.27 -3.92 3.46
CA CYS A 8 1.15 -4.06 2.30
C CYS A 8 2.61 -3.91 2.65
N PHE A 9 3.47 -4.25 1.66
CA PHE A 9 4.91 -4.16 1.64
C PHE A 9 5.22 -3.09 0.59
N GLN A 10 6.03 -2.03 0.90
CA GLN A 10 6.35 -0.87 0.02
C GLN A 10 7.02 -1.18 -1.31
N HIS A 11 7.60 -2.40 -1.45
CA HIS A 11 8.12 -2.96 -2.68
C HIS A 11 7.03 -3.51 -3.63
N LEU A 12 5.72 -3.47 -3.23
CA LEU A 12 4.60 -3.96 -4.02
C LEU A 12 3.72 -2.78 -4.38
N ASP A 13 3.85 -2.26 -5.63
CA ASP A 13 3.24 -1.05 -6.16
C ASP A 13 1.72 -1.06 -6.43
N ASP A 14 1.02 -2.20 -6.24
CA ASP A 14 -0.40 -2.39 -6.48
C ASP A 14 -1.36 -1.88 -5.38
N CYS A 15 -1.16 -0.63 -4.88
CA CYS A 15 -2.08 0.06 -3.96
C CYS A 15 -2.87 0.96 -4.88
N CYS A 16 -4.23 0.93 -4.85
CA CYS A 16 -5.14 1.68 -5.74
C CYS A 16 -4.94 3.21 -5.87
N SER A 17 -4.30 3.81 -4.84
CA SER A 17 -3.93 5.20 -4.66
C SER A 17 -2.48 5.49 -5.05
N ARG A 18 -1.68 4.44 -5.36
CA ARG A 18 -0.28 4.42 -5.76
C ARG A 18 0.68 3.98 -4.66
N LYS A 19 0.52 4.43 -3.40
CA LYS A 19 1.56 4.27 -2.37
C LYS A 19 1.20 3.49 -1.10
N CYS A 20 2.14 2.60 -0.64
CA CYS A 20 2.17 1.97 0.68
C CYS A 20 3.12 2.84 1.53
N ASN A 21 2.92 2.94 2.87
CA ASN A 21 3.76 3.78 3.73
C ASN A 21 4.49 2.96 4.78
N ARG A 22 5.29 3.59 5.70
CA ARG A 22 6.06 2.94 6.76
C ARG A 22 5.32 2.18 7.88
N PHE A 23 3.99 2.42 8.05
CA PHE A 23 3.13 1.73 9.02
C PHE A 23 2.48 0.44 8.51
N ASN A 24 2.86 -0.02 7.27
CA ASN A 24 2.44 -1.20 6.48
C ASN A 24 1.14 -1.02 5.74
N LYS A 25 0.69 0.23 5.60
CA LYS A 25 -0.63 0.55 5.11
C LYS A 25 -0.56 1.28 3.77
N CYS A 26 -1.60 1.09 2.90
CA CYS A 26 -1.83 1.75 1.60
C CYS A 26 -2.54 3.08 1.89
N VAL A 27 -2.03 4.20 1.36
CA VAL A 27 -2.59 5.51 1.57
C VAL A 27 -4.01 5.71 0.93
N CYS A 1 -5.96 -4.79 -6.25
CA CYS A 1 -5.16 -3.83 -5.39
C CYS A 1 -5.51 -3.93 -3.93
N ARG A 2 -4.70 -3.26 -3.10
CA ARG A 2 -4.95 -3.00 -1.68
C ARG A 2 -5.46 -1.57 -1.55
N ILE A 3 -6.50 -1.36 -0.70
CA ILE A 3 -7.19 -0.10 -0.48
C ILE A 3 -6.59 0.67 0.70
N ASN A 5 -6.43 0.94 3.81
CA ASN A 5 -6.57 0.25 5.08
C ASN A 5 -6.49 -1.22 4.74
N GLN A 6 -5.42 -1.60 4.01
CA GLN A 6 -5.12 -2.98 3.69
C GLN A 6 -3.61 -2.97 3.74
N LYS A 7 -2.98 -4.13 4.05
CA LYS A 7 -1.55 -4.20 4.32
C LYS A 7 -0.72 -4.69 3.13
N CYS A 8 0.27 -3.87 2.73
CA CYS A 8 1.20 -4.03 1.62
C CYS A 8 2.65 -3.86 2.02
N PHE A 9 3.54 -4.44 1.18
CA PHE A 9 5.01 -4.34 1.21
C PHE A 9 5.43 -3.07 0.47
N GLN A 10 6.59 -2.45 0.81
CA GLN A 10 7.07 -1.17 0.23
C GLN A 10 7.46 -1.19 -1.26
N HIS A 11 7.95 -2.36 -1.75
CA HIS A 11 8.33 -2.65 -3.14
C HIS A 11 7.21 -3.35 -3.92
N LEU A 12 5.95 -2.91 -3.71
CA LEU A 12 4.73 -3.41 -4.31
C LEU A 12 3.98 -2.26 -4.97
N ASP A 13 3.67 -2.36 -6.29
CA ASP A 13 2.95 -1.37 -7.08
C ASP A 13 1.42 -1.40 -6.93
N ASP A 14 0.81 -2.56 -6.52
CA ASP A 14 -0.62 -2.78 -6.40
C ASP A 14 -1.30 -2.22 -5.13
N CYS A 15 -1.11 -0.90 -4.89
CA CYS A 15 -1.83 -0.10 -3.91
C CYS A 15 -2.72 0.75 -4.77
N CYS A 16 -4.04 0.85 -4.46
CA CYS A 16 -5.01 1.61 -5.27
C CYS A 16 -4.85 3.13 -5.36
N SER A 17 -3.92 3.71 -4.56
CA SER A 17 -3.46 5.08 -4.53
C SER A 17 -2.09 5.28 -5.21
N ARG A 18 -1.36 4.16 -5.46
CA ARG A 18 -0.04 3.98 -6.03
C ARG A 18 0.92 3.46 -4.97
N LYS A 19 1.12 4.18 -3.84
CA LYS A 19 2.15 3.89 -2.84
C LYS A 19 1.61 3.53 -1.46
N CYS A 20 2.42 2.73 -0.70
CA CYS A 20 2.33 2.32 0.70
C CYS A 20 2.96 3.36 1.65
N ASN A 21 2.76 3.18 2.98
CA ASN A 21 3.36 4.01 4.03
C ASN A 21 3.83 3.16 5.21
N ARG A 22 4.19 3.85 6.34
CA ARG A 22 4.70 3.35 7.63
C ARG A 22 3.93 2.23 8.35
N PHE A 23 2.58 2.26 8.28
CA PHE A 23 1.62 1.33 8.89
C PHE A 23 1.37 0.05 8.06
N ASN A 24 2.11 -0.08 6.92
CA ASN A 24 2.00 -1.08 5.85
C ASN A 24 0.81 -0.83 4.95
N LYS A 25 0.16 0.32 5.12
CA LYS A 25 -1.07 0.71 4.46
C LYS A 25 -0.80 1.48 3.17
N CYS A 26 -1.72 1.40 2.19
CA CYS A 26 -1.78 2.14 0.93
C CYS A 26 -2.26 3.56 1.17
N VAL A 27 -1.32 4.53 1.33
CA VAL A 27 -1.60 5.90 1.73
C VAL A 27 -2.46 6.65 0.72
N CYS A 1 -6.33 -4.08 -7.95
CA CYS A 1 -5.49 -3.23 -7.06
C CYS A 1 -6.18 -3.20 -5.71
N ARG A 2 -5.41 -3.06 -4.62
CA ARG A 2 -5.84 -3.02 -3.23
C ARG A 2 -6.41 -1.70 -2.77
N ILE A 3 -7.36 -1.74 -1.80
CA ILE A 3 -8.02 -0.59 -1.24
C ILE A 3 -7.24 0.19 -0.14
N ASN A 5 -6.02 1.93 3.32
CA ASN A 5 -5.84 1.56 4.72
C ASN A 5 -5.84 0.04 4.90
N GLN A 6 -5.44 -0.66 3.81
CA GLN A 6 -5.22 -2.09 3.75
C GLN A 6 -3.71 -2.27 3.65
N LYS A 7 -3.19 -3.51 3.82
CA LYS A 7 -1.78 -3.80 4.04
C LYS A 7 -0.95 -4.11 2.81
N CYS A 8 0.28 -3.55 2.77
CA CYS A 8 1.30 -3.77 1.73
C CYS A 8 2.62 -4.26 2.33
N PHE A 9 3.71 -3.95 1.60
CA PHE A 9 5.10 -4.26 1.84
C PHE A 9 5.80 -3.10 1.16
N GLN A 10 6.92 -2.54 1.70
CA GLN A 10 7.64 -1.36 1.22
C GLN A 10 8.27 -1.39 -0.20
N HIS A 11 8.30 -2.59 -0.83
CA HIS A 11 8.72 -2.85 -2.19
C HIS A 11 7.57 -3.07 -3.19
N LEU A 12 6.25 -3.07 -2.79
CA LEU A 12 5.16 -3.37 -3.72
C LEU A 12 4.21 -2.18 -3.83
N ASP A 13 3.40 -2.12 -4.92
CA ASP A 13 2.43 -1.06 -5.12
C ASP A 13 1.23 -1.60 -5.91
N ASP A 14 0.54 -2.69 -5.45
CA ASP A 14 -0.68 -3.20 -6.10
C ASP A 14 -1.89 -2.67 -5.35
N CYS A 15 -1.87 -1.36 -5.07
CA CYS A 15 -2.84 -0.57 -4.33
C CYS A 15 -3.41 0.42 -5.29
N CYS A 16 -4.74 0.68 -5.17
CA CYS A 16 -5.57 1.54 -6.01
C CYS A 16 -5.28 3.03 -5.93
N SER A 17 -4.56 3.45 -4.86
CA SER A 17 -4.06 4.79 -4.63
C SER A 17 -2.63 4.91 -5.11
N ARG A 18 -1.84 3.80 -5.06
CA ARG A 18 -0.48 3.65 -5.56
C ARG A 18 0.60 4.33 -4.72
N LYS A 19 0.40 4.36 -3.38
CA LYS A 19 1.32 4.95 -2.41
C LYS A 19 1.19 4.18 -1.10
N CYS A 20 2.34 3.63 -0.60
CA CYS A 20 2.49 2.90 0.68
C CYS A 20 3.06 3.83 1.76
N ASN A 21 2.71 3.59 3.07
CA ASN A 21 3.26 4.30 4.23
C ASN A 21 4.32 3.41 4.91
N ARG A 22 4.97 3.80 6.05
CA ARG A 22 6.10 3.06 6.64
C ARG A 22 5.71 1.92 7.59
N PHE A 23 4.40 1.88 7.95
CA PHE A 23 3.74 0.93 8.84
C PHE A 23 3.43 -0.43 8.18
N ASN A 24 3.40 -0.45 6.82
CA ASN A 24 3.09 -1.56 5.89
C ASN A 24 1.63 -1.52 5.51
N LYS A 25 1.16 -0.31 5.14
CA LYS A 25 -0.20 0.03 4.81
C LYS A 25 -0.23 0.98 3.61
N CYS A 26 -1.22 0.82 2.70
CA CYS A 26 -1.49 1.66 1.53
C CYS A 26 -2.46 2.75 1.92
N VAL A 27 -2.03 4.01 1.74
CA VAL A 27 -2.75 5.21 2.17
C VAL A 27 -3.58 5.78 1.02
N CYS A 1 -6.31 -4.23 -7.86
CA CYS A 1 -5.30 -3.59 -6.92
C CYS A 1 -5.81 -3.68 -5.50
N ARG A 2 -5.01 -3.20 -4.52
CA ARG A 2 -5.34 -3.17 -3.10
C ARG A 2 -5.96 -1.84 -2.69
N ILE A 3 -6.89 -1.90 -1.69
CA ILE A 3 -7.70 -0.78 -1.23
C ILE A 3 -7.08 0.06 -0.09
N ASN A 5 -5.97 1.82 3.38
CA ASN A 5 -5.74 1.49 4.78
C ASN A 5 -5.68 0.01 5.10
N GLN A 6 -5.40 -0.80 4.06
CA GLN A 6 -5.15 -2.23 4.19
C GLN A 6 -3.66 -2.40 3.93
N LYS A 7 -3.06 -3.47 4.48
CA LYS A 7 -1.63 -3.77 4.49
C LYS A 7 -0.95 -4.18 3.17
N CYS A 8 0.14 -3.43 2.79
CA CYS A 8 1.04 -3.65 1.65
C CYS A 8 2.46 -3.86 2.18
N PHE A 9 3.48 -3.44 1.41
CA PHE A 9 4.91 -3.53 1.66
C PHE A 9 5.48 -2.53 0.68
N GLN A 10 6.71 -1.98 0.88
CA GLN A 10 7.35 -1.01 -0.05
C GLN A 10 7.74 -1.53 -1.45
N HIS A 11 7.93 -2.87 -1.59
CA HIS A 11 8.15 -3.59 -2.85
C HIS A 11 6.86 -4.15 -3.47
N LEU A 12 5.66 -3.94 -2.85
CA LEU A 12 4.38 -4.48 -3.31
C LEU A 12 3.43 -3.30 -3.43
N ASP A 13 3.82 -2.36 -4.35
CA ASP A 13 3.20 -1.07 -4.67
C ASP A 13 1.83 -1.05 -5.37
N ASP A 14 1.14 -2.22 -5.50
CA ASP A 14 -0.18 -2.38 -6.11
C ASP A 14 -1.33 -2.01 -5.17
N CYS A 15 -1.29 -0.73 -4.75
CA CYS A 15 -2.26 0.01 -3.97
C CYS A 15 -2.97 0.85 -5.00
N CYS A 16 -4.32 0.91 -4.99
CA CYS A 16 -5.19 1.64 -5.91
C CYS A 16 -5.01 3.16 -6.00
N SER A 17 -4.41 3.77 -4.95
CA SER A 17 -4.03 5.17 -4.77
C SER A 17 -2.57 5.40 -5.14
N ARG A 18 -1.80 4.30 -5.35
CA ARG A 18 -0.42 4.19 -5.80
C ARG A 18 0.63 4.69 -4.80
N LYS A 19 0.36 4.47 -3.48
CA LYS A 19 1.24 4.86 -2.38
C LYS A 19 1.10 3.89 -1.24
N CYS A 20 2.24 3.62 -0.56
CA CYS A 20 2.42 2.78 0.62
C CYS A 20 2.93 3.70 1.74
N ASN A 21 2.65 3.28 2.99
CA ASN A 21 2.86 3.99 4.25
C ASN A 21 4.20 3.59 4.89
N ARG A 22 4.40 3.84 6.20
CA ARG A 22 5.56 3.51 7.00
C ARG A 22 5.36 2.22 7.82
N PHE A 23 4.08 1.93 8.25
CA PHE A 23 3.60 0.78 9.01
C PHE A 23 3.30 -0.46 8.15
N ASN A 24 3.36 -0.30 6.81
CA ASN A 24 3.10 -1.26 5.74
C ASN A 24 1.60 -1.44 5.49
N LYS A 25 1.01 -0.30 5.10
CA LYS A 25 -0.38 -0.03 4.80
C LYS A 25 -0.40 0.71 3.47
N CYS A 26 -1.46 0.50 2.63
CA CYS A 26 -1.78 1.25 1.39
C CYS A 26 -2.45 2.57 1.79
N VAL A 27 -1.88 3.72 1.33
CA VAL A 27 -2.37 5.03 1.75
C VAL A 27 -3.72 5.38 1.07
N CYS A 1 -5.78 -4.89 -6.92
CA CYS A 1 -5.17 -3.78 -6.12
C CYS A 1 -5.73 -3.77 -4.72
N ARG A 2 -5.06 -3.02 -3.81
CA ARG A 2 -5.47 -2.79 -2.44
C ARG A 2 -5.92 -1.36 -2.23
N ILE A 3 -7.02 -1.20 -1.44
CA ILE A 3 -7.70 0.05 -1.12
C ILE A 3 -7.08 0.78 0.09
N ASN A 5 -6.22 1.59 3.84
CA ASN A 5 -6.19 0.84 5.12
C ASN A 5 -5.86 -0.61 4.87
N GLN A 6 -5.57 -1.00 3.60
CA GLN A 6 -5.23 -2.35 3.20
C GLN A 6 -3.71 -2.50 3.21
N LYS A 7 -3.23 -3.68 3.64
CA LYS A 7 -1.85 -3.99 4.00
C LYS A 7 -0.84 -4.38 2.89
N CYS A 8 0.39 -3.81 2.95
CA CYS A 8 1.48 -3.97 1.97
C CYS A 8 2.87 -3.71 2.54
N PHE A 9 3.89 -4.04 1.71
CA PHE A 9 5.30 -3.69 1.78
C PHE A 9 5.56 -2.66 0.65
N GLN A 10 6.63 -1.81 0.70
CA GLN A 10 6.98 -0.78 -0.32
C GLN A 10 7.48 -1.30 -1.66
N HIS A 11 7.91 -2.58 -1.73
CA HIS A 11 8.34 -3.28 -2.94
C HIS A 11 7.18 -3.88 -3.75
N LEU A 12 5.91 -3.56 -3.38
CA LEU A 12 4.70 -4.00 -4.04
C LEU A 12 3.95 -2.73 -4.39
N ASP A 13 3.76 -2.49 -5.71
CA ASP A 13 3.16 -1.28 -6.24
C ASP A 13 1.64 -1.39 -6.43
N ASP A 14 1.00 -2.51 -5.99
CA ASP A 14 -0.42 -2.82 -6.19
C ASP A 14 -1.39 -2.22 -5.15
N CYS A 15 -1.13 -0.94 -4.79
CA CYS A 15 -1.96 -0.02 -4.01
C CYS A 15 -2.72 0.84 -5.00
N CYS A 16 -4.06 0.93 -4.83
CA CYS A 16 -4.97 1.64 -5.73
C CYS A 16 -5.01 3.17 -5.52
N SER A 17 -4.18 3.61 -4.56
CA SER A 17 -3.88 4.93 -4.11
C SER A 17 -2.44 5.29 -4.42
N ARG A 18 -1.72 4.44 -5.23
CA ARG A 18 -0.38 4.62 -5.76
C ARG A 18 0.71 4.07 -4.86
N LYS A 19 0.68 4.35 -3.54
CA LYS A 19 1.80 3.98 -2.66
C LYS A 19 1.36 3.44 -1.32
N CYS A 20 2.31 2.71 -0.67
CA CYS A 20 2.26 2.16 0.68
C CYS A 20 3.07 3.03 1.66
N ASN A 21 2.67 3.13 2.95
CA ASN A 21 3.32 3.96 3.97
C ASN A 21 3.89 3.15 5.14
N ARG A 22 4.75 3.84 5.95
CA ARG A 22 5.46 3.44 7.19
C ARG A 22 4.84 2.41 8.16
N PHE A 23 3.50 2.43 8.34
CA PHE A 23 2.72 1.55 9.21
C PHE A 23 2.44 0.15 8.61
N ASN A 24 2.71 -0.09 7.29
CA ASN A 24 2.47 -1.32 6.50
C ASN A 24 1.17 -1.20 5.70
N LYS A 25 0.76 0.04 5.39
CA LYS A 25 -0.53 0.34 4.81
C LYS A 25 -0.49 1.08 3.49
N CYS A 26 -1.39 0.69 2.53
CA CYS A 26 -1.71 1.34 1.24
C CYS A 26 -2.42 2.64 1.56
N VAL A 27 -1.85 3.76 1.05
CA VAL A 27 -2.24 5.13 1.33
C VAL A 27 -3.77 5.40 1.14
N CYS A 1 -5.46 -4.56 -7.61
CA CYS A 1 -4.75 -3.60 -6.67
C CYS A 1 -4.92 -4.04 -5.22
N ARG A 2 -5.04 -3.08 -4.29
CA ARG A 2 -5.24 -3.23 -2.86
C ARG A 2 -6.05 -2.00 -2.52
N ILE A 3 -6.94 -2.05 -1.49
CA ILE A 3 -7.81 -0.95 -1.09
C ILE A 3 -7.23 -0.09 0.06
N ASN A 5 -6.29 1.80 3.58
CA ASN A 5 -6.11 1.41 4.98
C ASN A 5 -5.90 -0.08 5.19
N GLN A 6 -5.43 -0.79 4.14
CA GLN A 6 -5.13 -2.20 4.14
C GLN A 6 -3.65 -2.36 3.92
N LYS A 7 -3.07 -3.46 4.45
CA LYS A 7 -1.66 -3.79 4.45
C LYS A 7 -1.01 -4.14 3.12
N CYS A 8 0.22 -3.61 2.90
CA CYS A 8 1.12 -3.84 1.77
C CYS A 8 2.21 -4.86 2.12
N PHE A 9 3.06 -5.15 1.12
CA PHE A 9 4.36 -5.81 1.14
C PHE A 9 5.20 -4.66 0.59
N GLN A 10 5.99 -3.94 1.44
CA GLN A 10 6.65 -2.63 1.16
C GLN A 10 7.49 -2.42 -0.10
N HIS A 11 7.92 -3.50 -0.80
CA HIS A 11 8.54 -3.49 -2.11
C HIS A 11 7.55 -3.43 -3.29
N LEU A 12 6.21 -3.54 -3.05
CA LEU A 12 5.17 -3.53 -4.05
C LEU A 12 4.42 -2.18 -4.06
N ASP A 13 4.09 -1.55 -5.22
CA ASP A 13 3.37 -0.26 -5.24
C ASP A 13 1.90 -0.46 -5.70
N ASP A 14 1.34 -1.68 -5.49
CA ASP A 14 0.01 -2.14 -5.90
C ASP A 14 -1.17 -1.73 -5.00
N CYS A 15 -1.22 -0.43 -4.66
CA CYS A 15 -2.29 0.22 -3.92
C CYS A 15 -3.04 1.03 -4.95
N CYS A 16 -4.40 1.06 -4.88
CA CYS A 16 -5.27 1.74 -5.86
C CYS A 16 -5.17 3.27 -5.95
N SER A 17 -4.56 3.88 -4.91
CA SER A 17 -4.24 5.29 -4.73
C SER A 17 -2.81 5.65 -5.15
N ARG A 18 -1.97 4.64 -5.49
CA ARG A 18 -0.56 4.75 -5.90
C ARG A 18 0.44 5.00 -4.77
N LYS A 19 0.16 4.60 -3.51
CA LYS A 19 1.12 4.81 -2.44
C LYS A 19 0.89 3.85 -1.28
N CYS A 20 1.99 3.24 -0.76
CA CYS A 20 2.10 2.49 0.49
C CYS A 20 2.77 3.45 1.45
N ASN A 21 2.36 3.45 2.75
CA ASN A 21 2.94 4.29 3.79
C ASN A 21 4.16 3.63 4.43
N ARG A 22 4.64 4.28 5.50
CA ARG A 22 5.82 3.97 6.29
C ARG A 22 5.69 2.71 7.13
N PHE A 23 4.46 2.47 7.68
CA PHE A 23 4.12 1.44 8.65
C PHE A 23 3.78 0.08 8.04
N ASN A 24 3.40 0.01 6.74
CA ASN A 24 3.04 -1.14 5.89
C ASN A 24 1.63 -1.00 5.34
N LYS A 25 1.00 0.18 5.41
CA LYS A 25 -0.37 0.34 5.00
C LYS A 25 -0.51 1.08 3.68
N CYS A 26 -1.45 0.63 2.78
CA CYS A 26 -1.88 1.30 1.52
C CYS A 26 -2.62 2.61 1.82
N VAL A 27 -2.06 3.74 1.32
CA VAL A 27 -2.55 5.09 1.59
C VAL A 27 -4.01 5.30 1.14
N CYS A 1 -4.73 -4.71 -6.66
CA CYS A 1 -4.24 -3.80 -5.58
C CYS A 1 -5.12 -3.80 -4.36
N ARG A 2 -4.64 -3.15 -3.26
CA ARG A 2 -5.41 -2.87 -2.06
C ARG A 2 -6.14 -1.54 -2.12
N ILE A 3 -7.12 -1.42 -1.21
CA ILE A 3 -7.97 -0.27 -0.94
C ILE A 3 -7.36 0.55 0.22
N ASN A 5 -6.22 1.77 3.70
CA ASN A 5 -6.06 1.14 5.04
C ASN A 5 -5.90 -0.36 4.99
N GLN A 6 -5.82 -0.97 3.78
CA GLN A 6 -5.47 -2.37 3.61
C GLN A 6 -3.98 -2.41 3.24
N LYS A 7 -3.31 -3.42 3.83
CA LYS A 7 -1.89 -3.63 4.01
C LYS A 7 -1.14 -4.12 2.77
N CYS A 8 0.06 -3.56 2.47
CA CYS A 8 0.95 -3.87 1.36
C CYS A 8 2.35 -4.26 1.87
N PHE A 9 3.40 -3.78 1.14
CA PHE A 9 4.82 -3.92 1.31
C PHE A 9 5.37 -2.76 0.47
N GLN A 10 6.58 -2.21 0.81
CA GLN A 10 7.24 -1.08 0.13
C GLN A 10 7.82 -1.39 -1.27
N HIS A 11 8.02 -2.68 -1.59
CA HIS A 11 8.50 -3.18 -2.87
C HIS A 11 7.38 -3.66 -3.81
N LEU A 12 6.07 -3.53 -3.46
CA LEU A 12 5.00 -4.13 -4.24
C LEU A 12 4.03 -3.11 -4.78
N ASP A 13 3.89 -3.08 -6.13
CA ASP A 13 3.00 -2.23 -6.91
C ASP A 13 1.52 -2.67 -6.84
N ASP A 14 0.93 -2.64 -5.61
CA ASP A 14 -0.41 -3.08 -5.29
C ASP A 14 -1.14 -2.18 -4.29
N CYS A 15 -0.99 -0.84 -4.46
CA CYS A 15 -1.79 0.18 -3.80
C CYS A 15 -2.57 0.89 -4.88
N CYS A 16 -3.93 0.94 -4.74
CA CYS A 16 -4.82 1.54 -5.74
C CYS A 16 -4.83 3.07 -5.73
N SER A 17 -4.08 3.68 -4.78
CA SER A 17 -3.87 5.09 -4.54
C SER A 17 -2.48 5.52 -4.99
N ARG A 18 -1.63 4.53 -5.39
CA ARG A 18 -0.25 4.61 -5.84
C ARG A 18 0.78 4.23 -4.77
N LYS A 19 0.59 4.55 -3.46
CA LYS A 19 1.65 4.34 -2.46
C LYS A 19 1.18 3.78 -1.14
N CYS A 20 2.17 3.25 -0.38
CA CYS A 20 2.12 2.69 0.95
C CYS A 20 2.59 3.75 1.97
N ASN A 21 2.32 3.55 3.29
CA ASN A 21 2.76 4.42 4.39
C ASN A 21 3.94 3.81 5.17
N ARG A 22 4.07 4.08 6.51
CA ARG A 22 5.15 3.56 7.36
C ARG A 22 4.85 2.25 8.10
N PHE A 23 3.56 1.80 8.21
CA PHE A 23 3.17 0.55 8.88
C PHE A 23 2.90 -0.56 7.86
N ASN A 24 3.24 -0.25 6.58
CA ASN A 24 3.19 -1.06 5.38
C ASN A 24 1.79 -1.20 4.83
N LYS A 25 0.95 -0.13 4.90
CA LYS A 25 -0.43 -0.16 4.44
C LYS A 25 -0.60 0.91 3.40
N CYS A 26 -1.58 0.75 2.45
CA CYS A 26 -1.88 1.68 1.36
C CYS A 26 -2.65 2.87 1.87
N VAL A 27 -2.05 4.08 1.70
CA VAL A 27 -2.59 5.35 2.15
C VAL A 27 -3.51 5.93 1.05
N CYS A 1 -6.13 -4.91 -6.46
CA CYS A 1 -5.32 -3.89 -5.72
C CYS A 1 -5.73 -3.81 -4.27
N ARG A 2 -5.00 -3.02 -3.47
CA ARG A 2 -5.27 -2.68 -2.09
C ARG A 2 -5.66 -1.21 -2.03
N ILE A 3 -6.69 -0.90 -1.19
CA ILE A 3 -7.18 0.43 -0.89
C ILE A 3 -6.63 0.83 0.49
N ASN A 5 -6.44 0.77 3.66
CA ASN A 5 -6.65 0.06 4.92
C ASN A 5 -6.33 -1.43 4.83
N GLN A 6 -5.72 -1.92 3.73
CA GLN A 6 -5.29 -3.30 3.55
C GLN A 6 -3.80 -3.17 3.41
N LYS A 7 -3.12 -4.15 4.03
CA LYS A 7 -1.69 -4.20 4.29
C LYS A 7 -0.84 -4.62 3.08
N CYS A 8 0.30 -3.90 2.85
CA CYS A 8 1.19 -4.07 1.71
C CYS A 8 2.67 -4.17 2.09
N PHE A 9 3.55 -3.97 1.08
CA PHE A 9 4.97 -4.04 1.10
C PHE A 9 5.42 -2.84 0.29
N GLN A 10 6.48 -2.13 0.75
CA GLN A 10 7.02 -0.86 0.24
C GLN A 10 7.50 -0.87 -1.21
N HIS A 11 7.86 -2.07 -1.71
CA HIS A 11 8.32 -2.35 -3.06
C HIS A 11 7.27 -2.98 -3.98
N LEU A 12 5.96 -3.09 -3.60
CA LEU A 12 5.00 -3.82 -4.40
C LEU A 12 3.91 -2.97 -4.99
N ASP A 13 3.81 -3.01 -6.34
CA ASP A 13 2.84 -2.32 -7.19
C ASP A 13 1.40 -2.90 -7.14
N ASP A 14 0.73 -2.76 -5.97
CA ASP A 14 -0.64 -3.23 -5.76
C ASP A 14 -1.47 -2.26 -4.93
N CYS A 15 -1.08 -0.97 -4.75
CA CYS A 15 -1.88 0.03 -4.04
C CYS A 15 -2.66 0.87 -5.03
N CYS A 16 -3.98 1.05 -4.78
CA CYS A 16 -4.93 1.77 -5.63
C CYS A 16 -4.90 3.29 -5.44
N SER A 17 -4.00 3.75 -4.55
CA SER A 17 -3.61 5.11 -4.25
C SER A 17 -2.18 5.35 -4.73
N ARG A 18 -1.55 4.34 -5.37
CA ARG A 18 -0.22 4.33 -5.94
C ARG A 18 0.88 3.88 -5.01
N LYS A 19 0.85 4.18 -3.68
CA LYS A 19 1.95 3.85 -2.78
C LYS A 19 1.45 3.39 -1.42
N CYS A 20 2.40 2.92 -0.56
CA CYS A 20 2.28 2.47 0.84
C CYS A 20 2.82 3.54 1.80
N ASN A 21 2.65 3.35 3.13
CA ASN A 21 3.16 4.22 4.18
C ASN A 21 3.81 3.35 5.27
N ARG A 22 4.37 3.95 6.37
CA ARG A 22 5.11 3.27 7.45
C ARG A 22 4.31 2.43 8.46
N PHE A 23 2.95 2.45 8.32
CA PHE A 23 1.95 1.67 9.04
C PHE A 23 1.71 0.31 8.36
N ASN A 24 2.29 0.16 7.13
CA ASN A 24 2.28 -0.96 6.19
C ASN A 24 0.99 -1.11 5.43
N LYS A 25 0.28 0.02 5.34
CA LYS A 25 -0.96 0.30 4.65
C LYS A 25 -0.62 1.10 3.39
N CYS A 26 -1.56 1.16 2.41
CA CYS A 26 -1.59 2.01 1.22
C CYS A 26 -1.85 3.48 1.61
N VAL A 27 -1.33 4.47 0.84
CA VAL A 27 -1.41 5.90 1.16
C VAL A 27 -2.86 6.43 1.35
N CYS A 1 -6.15 -4.18 -8.02
CA CYS A 1 -5.45 -3.37 -6.96
C CYS A 1 -6.00 -3.65 -5.59
N ARG A 2 -5.24 -3.17 -4.59
CA ARG A 2 -5.52 -3.13 -3.18
C ARG A 2 -6.06 -1.75 -2.80
N ILE A 3 -6.83 -1.67 -1.70
CA ILE A 3 -7.52 -0.46 -1.29
C ILE A 3 -6.89 0.21 -0.08
N ASN A 5 -6.17 1.65 3.61
CA ASN A 5 -6.27 1.15 4.98
C ASN A 5 -5.82 -0.30 5.11
N GLN A 6 -5.80 -1.07 3.98
CA GLN A 6 -5.29 -2.43 3.96
C GLN A 6 -3.77 -2.47 3.90
N LYS A 7 -3.20 -3.58 4.42
CA LYS A 7 -1.78 -3.83 4.62
C LYS A 7 -0.95 -4.19 3.38
N CYS A 8 0.27 -3.59 3.27
CA CYS A 8 1.24 -3.81 2.21
C CYS A 8 2.71 -3.66 2.62
N PHE A 9 3.56 -4.06 1.64
CA PHE A 9 5.01 -3.96 1.58
C PHE A 9 5.38 -2.83 0.62
N GLN A 10 6.29 -1.92 1.01
CA GLN A 10 6.82 -0.79 0.23
C GLN A 10 7.35 -1.06 -1.20
N HIS A 11 7.88 -2.28 -1.47
CA HIS A 11 8.31 -2.73 -2.80
C HIS A 11 7.19 -3.36 -3.65
N LEU A 12 5.92 -3.38 -3.20
CA LEU A 12 4.81 -3.97 -3.91
C LEU A 12 3.68 -2.96 -4.00
N ASP A 13 3.83 -1.83 -4.74
CA ASP A 13 2.79 -0.80 -4.79
C ASP A 13 1.60 -1.07 -5.71
N ASP A 14 0.80 -2.14 -5.41
CA ASP A 14 -0.41 -2.51 -6.14
C ASP A 14 -1.66 -1.95 -5.43
N CYS A 15 -1.55 -0.70 -4.92
CA CYS A 15 -2.57 0.06 -4.23
C CYS A 15 -3.28 0.88 -5.28
N CYS A 16 -4.62 1.06 -5.19
CA CYS A 16 -5.40 1.90 -6.12
C CYS A 16 -5.15 3.42 -6.06
N SER A 17 -4.38 3.87 -5.03
CA SER A 17 -3.81 5.19 -4.79
C SER A 17 -2.33 5.24 -5.23
N ARG A 18 -1.74 4.04 -5.49
CA ARG A 18 -0.39 3.70 -5.92
C ARG A 18 0.75 3.80 -4.92
N LYS A 19 0.55 3.86 -3.57
CA LYS A 19 1.68 3.95 -2.65
C LYS A 19 1.43 3.34 -1.27
N CYS A 20 2.50 2.71 -0.70
CA CYS A 20 2.56 2.14 0.64
C CYS A 20 3.16 3.16 1.61
N ASN A 21 2.81 3.03 2.90
CA ASN A 21 3.12 3.86 4.04
C ASN A 21 4.42 3.39 4.70
N ARG A 22 4.72 3.82 5.94
CA ARG A 22 5.84 3.39 6.76
C ARG A 22 5.40 2.36 7.79
N PHE A 23 4.11 2.40 8.25
CA PHE A 23 3.46 1.44 9.15
C PHE A 23 2.94 0.13 8.50
N ASN A 24 3.25 -0.15 7.19
CA ASN A 24 2.90 -1.36 6.43
C ASN A 24 1.47 -1.38 5.88
N LYS A 25 0.96 -0.19 5.53
CA LYS A 25 -0.39 0.06 5.08
C LYS A 25 -0.39 0.75 3.72
N CYS A 26 -1.41 0.50 2.85
CA CYS A 26 -1.68 1.16 1.56
C CYS A 26 -2.37 2.47 1.90
N VAL A 27 -1.75 3.63 1.60
CA VAL A 27 -2.27 4.93 2.03
C VAL A 27 -3.16 5.58 0.94
N CYS A 1 -7.19 -4.52 -7.75
CA CYS A 1 -6.14 -3.69 -7.04
C CYS A 1 -6.25 -3.86 -5.53
N ARG A 2 -5.27 -3.30 -4.77
CA ARG A 2 -5.27 -3.22 -3.32
C ARG A 2 -5.68 -1.83 -2.88
N ILE A 3 -6.62 -1.75 -1.91
CA ILE A 3 -7.25 -0.53 -1.47
C ILE A 3 -6.69 0.04 -0.16
N ASN A 5 -6.08 1.71 3.63
CA ASN A 5 -6.26 1.28 5.01
C ASN A 5 -6.15 -0.24 5.15
N GLN A 6 -5.63 -0.90 4.10
CA GLN A 6 -5.28 -2.30 4.13
C GLN A 6 -3.77 -2.34 4.09
N LYS A 7 -3.19 -3.49 4.47
CA LYS A 7 -1.78 -3.74 4.63
C LYS A 7 -1.07 -4.08 3.31
N CYS A 8 0.13 -3.52 3.08
CA CYS A 8 0.99 -3.76 1.92
C CYS A 8 2.38 -4.18 2.40
N PHE A 9 3.38 -3.92 1.53
CA PHE A 9 4.80 -4.14 1.67
C PHE A 9 5.32 -3.05 0.77
N GLN A 10 6.53 -2.48 1.06
CA GLN A 10 7.15 -1.38 0.33
C GLN A 10 7.72 -1.72 -1.06
N HIS A 11 7.89 -3.03 -1.34
CA HIS A 11 8.29 -3.58 -2.64
C HIS A 11 7.11 -3.86 -3.58
N LEU A 12 5.82 -3.66 -3.18
CA LEU A 12 4.66 -3.87 -4.05
C LEU A 12 3.97 -2.56 -4.40
N ASP A 13 3.96 -2.19 -5.71
CA ASP A 13 3.33 -0.98 -6.24
C ASP A 13 2.03 -1.34 -6.96
N ASP A 14 1.10 -2.05 -6.25
CA ASP A 14 -0.19 -2.51 -6.77
C ASP A 14 -1.33 -2.17 -5.82
N CYS A 15 -1.25 -0.95 -5.22
CA CYS A 15 -2.33 -0.31 -4.46
C CYS A 15 -3.05 0.63 -5.43
N CYS A 16 -4.37 0.78 -5.28
CA CYS A 16 -5.30 1.53 -6.14
C CYS A 16 -5.08 3.05 -6.22
N SER A 17 -4.59 3.67 -5.12
CA SER A 17 -4.20 5.06 -4.94
C SER A 17 -2.70 5.26 -5.04
N ARG A 18 -1.91 4.15 -5.13
CA ARG A 18 -0.46 4.12 -5.39
C ARG A 18 0.49 4.53 -4.24
N LYS A 19 0.22 4.22 -2.94
CA LYS A 19 1.15 4.66 -1.89
C LYS A 19 1.12 3.79 -0.65
N CYS A 20 2.32 3.34 -0.16
CA CYS A 20 2.54 2.63 1.09
C CYS A 20 3.19 3.63 2.04
N ASN A 21 2.87 3.60 3.37
CA ASN A 21 3.50 4.49 4.36
C ASN A 21 4.59 3.76 5.15
N ARG A 22 4.80 4.18 6.43
CA ARG A 22 5.83 3.67 7.34
C ARG A 22 5.49 2.36 8.03
N PHE A 23 4.17 2.18 8.35
CA PHE A 23 3.62 1.07 9.13
C PHE A 23 3.33 -0.16 8.29
N ASN A 24 3.46 0.00 6.93
CA ASN A 24 3.22 -0.94 5.86
C ASN A 24 1.74 -1.02 5.49
N LYS A 25 0.97 0.05 5.77
CA LYS A 25 -0.44 0.21 5.45
C LYS A 25 -0.53 1.08 4.21
N CYS A 26 -1.45 0.76 3.26
CA CYS A 26 -1.70 1.50 2.04
C CYS A 26 -2.66 2.65 2.25
N VAL A 27 -2.41 3.75 1.53
CA VAL A 27 -3.11 5.03 1.61
C VAL A 27 -3.28 5.62 0.19
N CYS A 1 -5.72 -5.17 -7.50
CA CYS A 1 -4.81 -4.23 -6.76
C CYS A 1 -5.03 -4.34 -5.27
N ARG A 2 -4.33 -3.50 -4.47
CA ARG A 2 -4.53 -3.31 -3.04
C ARG A 2 -5.36 -2.04 -2.81
N ILE A 3 -6.25 -2.05 -1.79
CA ILE A 3 -7.13 -0.96 -1.42
C ILE A 3 -6.53 -0.02 -0.37
N ASN A 5 -5.98 1.93 3.26
CA ASN A 5 -6.01 1.65 4.70
C ASN A 5 -5.85 0.18 5.01
N GLN A 6 -5.42 -0.61 4.01
CA GLN A 6 -5.23 -2.03 4.15
C GLN A 6 -3.74 -2.27 4.08
N LYS A 7 -3.26 -3.32 4.78
CA LYS A 7 -1.87 -3.65 4.95
C LYS A 7 -1.21 -4.21 3.69
N CYS A 8 -0.11 -3.56 3.27
CA CYS A 8 0.68 -3.86 2.09
C CYS A 8 2.08 -4.26 2.52
N PHE A 9 3.08 -3.86 1.70
CA PHE A 9 4.48 -4.14 1.73
C PHE A 9 5.09 -3.08 0.83
N GLN A 10 6.32 -2.59 1.13
CA GLN A 10 7.08 -1.57 0.33
C GLN A 10 7.54 -1.99 -1.08
N HIS A 11 7.57 -3.33 -1.35
CA HIS A 11 7.86 -3.91 -2.67
C HIS A 11 6.60 -4.11 -3.53
N LEU A 12 5.37 -3.76 -3.05
CA LEU A 12 4.12 -3.97 -3.77
C LEU A 12 3.58 -2.61 -4.20
N ASP A 13 3.87 -2.15 -5.45
CA ASP A 13 3.47 -0.82 -5.93
C ASP A 13 2.07 -0.78 -6.54
N ASP A 14 1.38 -1.96 -6.63
CA ASP A 14 0.06 -2.14 -7.19
C ASP A 14 -1.08 -1.91 -6.18
N CYS A 15 -1.09 -0.70 -5.58
CA CYS A 15 -2.14 -0.21 -4.72
C CYS A 15 -2.97 0.72 -5.57
N CYS A 16 -4.31 0.71 -5.35
CA CYS A 16 -5.27 1.57 -6.03
C CYS A 16 -5.44 2.93 -5.33
N SER A 17 -4.65 3.12 -4.24
CA SER A 17 -4.53 4.28 -3.37
C SER A 17 -3.58 5.33 -3.93
N ARG A 18 -2.34 4.86 -4.27
CA ARG A 18 -1.22 5.49 -4.97
C ARG A 18 0.12 5.23 -4.33
N LYS A 19 0.19 4.89 -3.02
CA LYS A 19 1.45 4.61 -2.34
C LYS A 19 1.21 3.85 -1.04
N CYS A 20 2.17 2.96 -0.65
CA CYS A 20 2.24 2.21 0.62
C CYS A 20 3.09 2.99 1.63
N ASN A 21 2.68 3.16 2.92
CA ASN A 21 3.41 3.95 3.93
C ASN A 21 4.26 3.14 4.90
N ARG A 22 4.97 3.91 5.76
CA ARG A 22 5.79 3.57 6.95
C ARG A 22 5.40 2.32 7.82
N PHE A 23 4.09 2.11 8.19
CA PHE A 23 3.55 0.99 8.97
C PHE A 23 3.21 -0.24 8.13
N ASN A 24 3.35 -0.11 6.78
CA ASN A 24 3.04 -1.09 5.74
C ASN A 24 1.55 -1.08 5.42
N LYS A 25 0.94 0.12 5.41
CA LYS A 25 -0.46 0.37 5.13
C LYS A 25 -0.53 1.29 3.93
N CYS A 26 -1.50 1.06 2.99
CA CYS A 26 -1.70 1.86 1.78
C CYS A 26 -2.55 3.11 2.00
N VAL A 27 -2.03 4.28 1.55
CA VAL A 27 -2.64 5.60 1.74
C VAL A 27 -2.99 6.29 0.38
N CYS A 1 -4.61 -5.13 -7.08
CA CYS A 1 -4.90 -3.87 -6.32
C CYS A 1 -5.16 -4.13 -4.87
N ARG A 2 -5.02 -3.04 -4.08
CA ARG A 2 -5.35 -2.82 -2.68
C ARG A 2 -6.07 -1.47 -2.72
N ILE A 3 -6.65 -1.02 -1.60
CA ILE A 3 -7.50 0.16 -1.46
C ILE A 3 -6.98 0.88 -0.23
N ASN A 5 -6.14 1.76 3.58
CA ASN A 5 -6.01 1.07 4.87
C ASN A 5 -5.92 -0.44 4.78
N GLN A 6 -5.58 -0.99 3.58
CA GLN A 6 -5.28 -2.40 3.44
C GLN A 6 -3.77 -2.49 3.42
N LYS A 7 -3.27 -3.62 3.94
CA LYS A 7 -1.89 -3.84 4.31
C LYS A 7 -0.99 -4.24 3.12
N CYS A 8 0.23 -3.65 3.06
CA CYS A 8 1.22 -3.88 2.01
C CYS A 8 2.54 -4.34 2.62
N PHE A 9 3.64 -3.91 2.01
CA PHE A 9 5.03 -4.26 2.17
C PHE A 9 5.66 -3.11 1.41
N GLN A 10 6.97 -2.79 1.58
CA GLN A 10 7.62 -1.67 0.88
C GLN A 10 8.12 -1.97 -0.53
N HIS A 11 7.93 -3.23 -1.01
CA HIS A 11 8.16 -3.66 -2.37
C HIS A 11 6.85 -3.82 -3.19
N LEU A 12 5.66 -3.37 -2.69
CA LEU A 12 4.40 -3.46 -3.41
C LEU A 12 3.96 -2.08 -3.83
N ASP A 13 3.87 -1.84 -5.16
CA ASP A 13 3.37 -0.59 -5.74
C ASP A 13 1.85 -0.61 -5.99
N ASP A 14 1.24 -1.82 -6.04
CA ASP A 14 -0.13 -2.12 -6.43
C ASP A 14 -1.25 -1.89 -5.42
N CYS A 15 -1.35 -0.63 -4.92
CA CYS A 15 -2.50 -0.10 -4.15
C CYS A 15 -3.28 0.68 -5.20
N CYS A 16 -4.63 0.68 -5.29
CA CYS A 16 -5.40 1.40 -6.32
C CYS A 16 -5.36 2.96 -6.24
N SER A 17 -4.88 3.53 -5.10
CA SER A 17 -4.55 4.93 -4.83
C SER A 17 -3.08 5.25 -5.16
N ARG A 18 -2.29 4.15 -5.36
CA ARG A 18 -0.87 3.97 -5.69
C ARG A 18 0.13 4.64 -4.72
N LYS A 19 -0.14 4.53 -3.38
CA LYS A 19 0.63 5.17 -2.32
C LYS A 19 0.76 4.32 -1.06
N CYS A 20 1.85 3.53 -0.90
CA CYS A 20 2.19 2.80 0.35
C CYS A 20 2.96 3.71 1.34
N ASN A 21 3.03 3.28 2.63
CA ASN A 21 3.74 3.96 3.72
C ASN A 21 4.57 2.93 4.50
N ARG A 22 5.46 3.35 5.43
CA ARG A 22 6.35 2.47 6.21
C ARG A 22 5.75 1.86 7.48
N PHE A 23 4.40 1.97 7.66
CA PHE A 23 3.65 1.32 8.73
C PHE A 23 3.11 -0.03 8.25
N ASN A 24 3.26 -0.33 6.92
CA ASN A 24 2.83 -1.53 6.18
C ASN A 24 1.40 -1.41 5.65
N LYS A 25 0.92 -0.17 5.44
CA LYS A 25 -0.42 0.11 5.00
C LYS A 25 -0.38 0.94 3.74
N CYS A 26 -1.35 0.67 2.83
CA CYS A 26 -1.71 1.45 1.63
C CYS A 26 -2.54 2.68 2.04
N VAL A 27 -2.11 3.90 1.64
CA VAL A 27 -2.82 5.15 1.93
C VAL A 27 -4.13 5.23 1.07
N CYS A 1 -6.64 -4.76 -7.24
CA CYS A 1 -5.86 -3.72 -6.50
C CYS A 1 -6.22 -3.75 -5.03
N ARG A 2 -5.35 -3.14 -4.18
CA ARG A 2 -5.59 -2.91 -2.77
C ARG A 2 -5.98 -1.47 -2.52
N ILE A 3 -7.04 -1.27 -1.72
CA ILE A 3 -7.63 0.03 -1.39
C ILE A 3 -6.94 0.71 -0.20
N ASN A 5 -5.94 1.60 3.46
CA ASN A 5 -5.92 0.86 4.71
C ASN A 5 -5.77 -0.63 4.52
N GLN A 6 -5.62 -1.11 3.23
CA GLN A 6 -5.20 -2.48 2.92
C GLN A 6 -3.66 -2.52 2.93
N LYS A 7 -3.12 -3.66 3.41
CA LYS A 7 -1.74 -3.92 3.78
C LYS A 7 -0.74 -4.27 2.64
N CYS A 8 0.55 -3.84 2.76
CA CYS A 8 1.62 -4.07 1.79
C CYS A 8 3.01 -4.13 2.44
N PHE A 9 4.00 -3.48 1.79
CA PHE A 9 5.43 -3.45 2.00
C PHE A 9 5.81 -2.24 1.16
N GLN A 10 7.08 -1.74 1.14
CA GLN A 10 7.45 -0.58 0.31
C GLN A 10 7.58 -0.86 -1.20
N HIS A 11 8.02 -2.10 -1.58
CA HIS A 11 8.19 -2.56 -2.95
C HIS A 11 7.03 -3.42 -3.44
N LEU A 12 5.82 -3.27 -2.84
CA LEU A 12 4.64 -4.10 -3.14
C LEU A 12 3.37 -3.23 -3.22
N ASP A 13 3.45 -2.06 -3.89
CA ASP A 13 2.35 -1.10 -4.06
C ASP A 13 1.34 -1.44 -5.17
N ASP A 14 0.62 -2.59 -5.06
CA ASP A 14 -0.44 -2.97 -6.00
C ASP A 14 -1.78 -2.39 -5.53
N CYS A 15 -1.78 -1.06 -5.25
CA CYS A 15 -2.83 -0.28 -4.65
C CYS A 15 -3.47 0.71 -5.59
N CYS A 16 -4.74 0.99 -5.28
CA CYS A 16 -5.73 1.86 -5.93
C CYS A 16 -5.68 3.25 -5.32
N SER A 17 -4.43 3.76 -5.36
CA SER A 17 -3.88 4.96 -4.78
C SER A 17 -2.43 5.06 -5.25
N ARG A 18 -1.70 3.93 -5.08
CA ARG A 18 -0.37 3.65 -5.64
C ARG A 18 0.81 4.09 -4.79
N LYS A 19 0.65 3.97 -3.45
CA LYS A 19 1.74 4.30 -2.53
C LYS A 19 1.50 3.67 -1.16
N CYS A 20 2.52 3.01 -0.56
CA CYS A 20 2.50 2.41 0.78
C CYS A 20 3.17 3.32 1.83
N ASN A 21 2.73 3.26 3.13
CA ASN A 21 3.24 4.04 4.27
C ASN A 21 4.22 3.20 5.12
N ARG A 22 4.77 3.74 6.26
CA ARG A 22 5.74 3.09 7.16
C ARG A 22 5.25 1.93 8.03
N PHE A 23 3.91 1.82 8.27
CA PHE A 23 3.18 0.80 9.04
C PHE A 23 2.92 -0.44 8.19
N ASN A 24 3.21 -0.29 6.87
CA ASN A 24 3.14 -1.22 5.77
C ASN A 24 1.72 -1.41 5.27
N LYS A 25 1.03 -0.25 5.21
CA LYS A 25 -0.35 -0.07 4.82
C LYS A 25 -0.36 0.93 3.68
N CYS A 26 -1.36 0.82 2.76
CA CYS A 26 -1.54 1.71 1.62
C CYS A 26 -2.21 3.05 1.90
N VAL A 27 -1.68 4.11 1.24
CA VAL A 27 -2.12 5.50 1.31
C VAL A 27 -3.57 5.69 0.74
N CYS A 1 -4.45 -4.39 -6.75
CA CYS A 1 -4.96 -3.23 -5.93
C CYS A 1 -5.36 -3.66 -4.53
N ARG A 2 -5.53 -2.64 -3.65
CA ARG A 2 -5.91 -2.73 -2.25
C ARG A 2 -6.67 -1.44 -2.03
N ILE A 3 -7.39 -1.33 -0.89
CA ILE A 3 -8.12 -0.13 -0.47
C ILE A 3 -7.29 0.60 0.58
N ASN A 5 -5.46 1.80 3.86
CA ASN A 5 -5.36 1.15 5.18
C ASN A 5 -5.39 -0.38 5.15
N GLN A 6 -5.47 -1.00 3.93
CA GLN A 6 -5.36 -2.42 3.66
C GLN A 6 -3.91 -2.68 3.21
N LYS A 7 -3.38 -3.82 3.69
CA LYS A 7 -1.97 -4.17 3.80
C LYS A 7 -1.14 -4.48 2.56
N CYS A 8 0.03 -3.81 2.47
CA CYS A 8 1.08 -3.91 1.45
C CYS A 8 2.44 -4.03 2.09
N PHE A 9 3.37 -4.29 1.18
CA PHE A 9 4.79 -4.47 1.23
C PHE A 9 5.32 -3.20 0.57
N GLN A 10 6.32 -2.53 1.21
CA GLN A 10 6.88 -1.22 0.83
C GLN A 10 7.45 -1.05 -0.59
N HIS A 11 8.06 -2.12 -1.12
CA HIS A 11 8.71 -2.29 -2.41
C HIS A 11 7.83 -3.12 -3.34
N LEU A 12 6.56 -2.68 -3.51
CA LEU A 12 5.56 -3.30 -4.36
C LEU A 12 4.54 -2.19 -4.59
N ASP A 13 3.94 -1.99 -5.80
CA ASP A 13 2.97 -0.92 -6.03
C ASP A 13 1.50 -1.38 -6.04
N ASP A 14 1.14 -2.47 -5.30
CA ASP A 14 -0.24 -2.99 -5.21
C ASP A 14 -1.13 -2.28 -4.18
N CYS A 15 -1.29 -0.97 -4.42
CA CYS A 15 -2.16 -0.04 -3.72
C CYS A 15 -2.92 0.67 -4.82
N CYS A 16 -4.25 0.91 -4.66
CA CYS A 16 -5.06 1.54 -5.72
C CYS A 16 -4.95 3.07 -5.79
N SER A 17 -4.18 3.65 -4.85
CA SER A 17 -3.75 5.03 -4.74
C SER A 17 -2.35 5.18 -5.35
N ARG A 18 -1.71 4.03 -5.69
CA ARG A 18 -0.40 3.84 -6.28
C ARG A 18 0.73 3.65 -5.27
N LYS A 19 0.51 3.77 -3.92
CA LYS A 19 1.62 3.70 -2.97
C LYS A 19 1.20 3.32 -1.57
N CYS A 20 2.18 2.73 -0.83
CA CYS A 20 2.14 2.24 0.53
C CYS A 20 2.71 3.31 1.50
N ASN A 21 2.35 3.24 2.81
CA ASN A 21 2.92 4.10 3.87
C ASN A 21 3.70 3.22 4.84
N ARG A 22 4.46 3.82 5.80
CA ARG A 22 5.41 3.20 6.73
C ARG A 22 4.90 2.20 7.77
N PHE A 23 3.55 2.09 7.92
CA PHE A 23 2.90 1.16 8.82
C PHE A 23 2.42 -0.12 8.12
N ASN A 24 2.79 -0.32 6.81
CA ASN A 24 2.55 -1.49 5.95
C ASN A 24 1.14 -1.49 5.35
N LYS A 25 0.63 -0.26 5.09
CA LYS A 25 -0.72 0.04 4.68
C LYS A 25 -0.72 0.87 3.41
N CYS A 26 -1.74 0.75 2.52
CA CYS A 26 -1.89 1.57 1.32
C CYS A 26 -2.38 2.95 1.71
N VAL A 27 -1.69 4.03 1.26
CA VAL A 27 -2.01 5.38 1.73
C VAL A 27 -3.03 6.03 0.82
N CYS A 1 -5.67 -4.82 -7.68
CA CYS A 1 -4.86 -3.84 -6.90
C CYS A 1 -5.08 -4.02 -5.41
N ARG A 2 -4.35 -3.24 -4.58
CA ARG A 2 -4.54 -3.16 -3.13
C ARG A 2 -5.47 -2.01 -2.78
N ILE A 3 -6.34 -2.25 -1.76
CA ILE A 3 -7.33 -1.29 -1.26
C ILE A 3 -6.76 -0.32 -0.20
N ASN A 5 -6.12 1.59 3.35
CA ASN A 5 -6.10 1.25 4.78
C ASN A 5 -5.91 -0.24 4.99
N GLN A 6 -5.39 -0.90 3.93
CA GLN A 6 -4.99 -2.29 3.95
C GLN A 6 -3.48 -2.25 3.93
N LYS A 7 -2.84 -3.28 4.52
CA LYS A 7 -1.42 -3.40 4.74
C LYS A 7 -0.66 -3.94 3.53
N CYS A 8 0.49 -3.30 3.19
CA CYS A 8 1.32 -3.63 2.03
C CYS A 8 2.63 -4.28 2.41
N PHE A 9 3.25 -4.80 1.35
CA PHE A 9 4.55 -5.39 1.22
C PHE A 9 5.23 -4.37 0.31
N GLN A 10 6.33 -3.70 0.71
CA GLN A 10 6.93 -2.57 -0.05
C GLN A 10 7.41 -2.79 -1.49
N HIS A 11 7.59 -4.07 -1.92
CA HIS A 11 7.83 -4.48 -3.29
C HIS A 11 6.54 -4.58 -4.13
N LEU A 12 5.31 -4.45 -3.54
CA LEU A 12 4.07 -4.51 -4.30
C LEU A 12 3.62 -3.11 -4.66
N ASP A 13 4.08 -2.68 -5.86
CA ASP A 13 3.84 -1.41 -6.52
C ASP A 13 2.54 -1.41 -7.32
N ASP A 14 1.40 -1.73 -6.62
CA ASP A 14 0.08 -1.77 -7.19
C ASP A 14 -1.03 -1.66 -6.14
N CYS A 15 -1.00 -0.56 -5.34
CA CYS A 15 -2.09 -0.13 -4.44
C CYS A 15 -2.89 0.86 -5.26
N CYS A 16 -4.24 0.82 -5.20
CA CYS A 16 -5.19 1.61 -6.01
C CYS A 16 -5.15 3.14 -5.91
N SER A 17 -4.77 3.73 -4.74
CA SER A 17 -4.58 5.17 -4.52
C SER A 17 -3.13 5.59 -4.75
N ARG A 18 -2.23 4.59 -4.92
CA ARG A 18 -0.81 4.68 -5.26
C ARG A 18 0.18 5.25 -4.24
N LYS A 19 0.02 4.88 -2.94
CA LYS A 19 0.94 5.33 -1.91
C LYS A 19 0.85 4.44 -0.67
N CYS A 20 2.00 3.91 -0.17
CA CYS A 20 2.11 3.12 1.06
C CYS A 20 2.95 3.97 2.03
N ASN A 21 2.84 3.79 3.37
CA ASN A 21 3.57 4.61 4.35
C ASN A 21 4.47 3.80 5.29
N ARG A 22 4.98 4.43 6.39
CA ARG A 22 5.89 3.83 7.38
C ARG A 22 5.31 2.83 8.37
N PHE A 23 3.95 2.78 8.52
CA PHE A 23 3.25 1.83 9.39
C PHE A 23 2.72 0.59 8.64
N ASN A 24 3.19 0.38 7.37
CA ASN A 24 2.90 -0.70 6.43
C ASN A 24 1.53 -0.66 5.77
N LYS A 25 0.75 0.42 6.02
CA LYS A 25 -0.58 0.64 5.50
C LYS A 25 -0.52 1.36 4.17
N CYS A 26 -1.45 1.07 3.23
CA CYS A 26 -1.65 1.79 1.98
C CYS A 26 -2.64 2.89 2.24
N VAL A 27 -2.33 4.12 1.80
CA VAL A 27 -3.10 5.31 2.19
C VAL A 27 -4.44 5.48 1.43
N CYS A 1 -6.07 -4.41 -7.90
CA CYS A 1 -5.23 -3.50 -7.05
C CYS A 1 -5.39 -3.88 -5.59
N ARG A 2 -5.16 -2.92 -4.67
CA ARG A 2 -5.27 -3.08 -3.24
C ARG A 2 -5.85 -1.81 -2.67
N ILE A 3 -6.75 -1.94 -1.66
CA ILE A 3 -7.50 -0.86 -1.06
C ILE A 3 -6.76 -0.23 0.13
N ASN A 5 -5.48 1.37 3.74
CA ASN A 5 -5.32 0.85 5.10
C ASN A 5 -5.29 -0.67 5.29
N GLN A 6 -5.21 -1.45 4.17
CA GLN A 6 -4.99 -2.89 4.16
C GLN A 6 -3.47 -3.08 4.04
N LYS A 7 -2.87 -3.88 4.96
CA LYS A 7 -1.43 -4.00 5.16
C LYS A 7 -0.63 -4.66 4.03
N CYS A 8 0.27 -3.86 3.39
CA CYS A 8 1.06 -4.22 2.22
C CYS A 8 2.52 -4.47 2.55
N PHE A 9 3.25 -4.84 1.49
CA PHE A 9 4.65 -5.16 1.40
C PHE A 9 5.21 -4.00 0.59
N GLN A 10 6.03 -3.13 1.25
CA GLN A 10 6.59 -1.83 0.83
C GLN A 10 7.08 -1.61 -0.61
N HIS A 11 7.58 -2.67 -1.28
CA HIS A 11 8.02 -2.73 -2.67
C HIS A 11 6.93 -3.15 -3.65
N LEU A 12 5.66 -3.36 -3.22
CA LEU A 12 4.58 -3.82 -4.08
C LEU A 12 3.67 -2.66 -4.44
N ASP A 13 3.78 -2.21 -5.72
CA ASP A 13 3.17 -1.03 -6.34
C ASP A 13 1.66 -1.05 -6.59
N ASP A 14 0.98 -2.22 -6.49
CA ASP A 14 -0.45 -2.40 -6.76
C ASP A 14 -1.42 -1.98 -5.64
N CYS A 15 -1.27 -0.71 -5.19
CA CYS A 15 -2.14 0.02 -4.27
C CYS A 15 -2.99 0.88 -5.19
N CYS A 16 -4.30 1.04 -4.92
CA CYS A 16 -5.22 1.82 -5.76
C CYS A 16 -5.10 3.34 -5.64
N SER A 17 -4.29 3.84 -4.66
CA SER A 17 -3.94 5.24 -4.48
C SER A 17 -2.41 5.40 -4.61
N ARG A 18 -1.77 4.48 -5.40
CA ARG A 18 -0.38 4.43 -5.84
C ARG A 18 0.65 3.97 -4.85
N LYS A 19 0.54 4.30 -3.54
CA LYS A 19 1.65 3.99 -2.62
C LYS A 19 1.30 3.60 -1.20
N CYS A 20 2.21 2.79 -0.57
CA CYS A 20 2.24 2.35 0.82
C CYS A 20 2.96 3.37 1.72
N ASN A 21 2.54 3.53 3.01
CA ASN A 21 3.14 4.43 4.00
C ASN A 21 4.19 3.69 4.85
N ARG A 22 4.66 4.24 6.01
CA ARG A 22 5.63 3.59 6.88
C ARG A 22 5.10 2.48 7.79
N PHE A 23 3.79 2.49 8.15
CA PHE A 23 3.08 1.59 9.05
C PHE A 23 2.51 0.34 8.37
N ASN A 24 2.83 0.14 7.07
CA ASN A 24 2.42 -0.95 6.17
C ASN A 24 1.11 -0.69 5.44
N LYS A 25 0.52 0.53 5.51
CA LYS A 25 -0.78 0.85 4.94
C LYS A 25 -0.69 1.58 3.62
N CYS A 26 -1.60 1.30 2.62
CA CYS A 26 -1.75 2.03 1.34
C CYS A 26 -2.43 3.37 1.67
N VAL A 27 -1.74 4.51 1.43
CA VAL A 27 -2.24 5.82 1.79
C VAL A 27 -3.12 6.39 0.65
N CYS A 1 -5.29 -4.48 -7.75
CA CYS A 1 -4.95 -3.51 -6.64
C CYS A 1 -5.80 -3.72 -5.39
N ARG A 2 -5.59 -2.84 -4.37
CA ARG A 2 -6.33 -2.80 -3.12
C ARG A 2 -6.78 -1.38 -2.82
N ILE A 3 -7.64 -1.27 -1.79
CA ILE A 3 -8.22 -0.07 -1.23
C ILE A 3 -7.31 0.58 -0.17
N ASN A 5 -5.96 1.65 3.55
CA ASN A 5 -5.93 0.94 4.84
C ASN A 5 -5.83 -0.56 4.66
N GLN A 6 -5.39 -1.03 3.46
CA GLN A 6 -5.15 -2.43 3.17
C GLN A 6 -3.64 -2.61 3.25
N LYS A 7 -3.15 -3.73 3.81
CA LYS A 7 -1.73 -3.95 4.13
C LYS A 7 -0.82 -4.38 2.97
N CYS A 8 0.43 -3.86 2.93
CA CYS A 8 1.42 -4.11 1.88
C CYS A 8 2.85 -4.24 2.40
N PHE A 9 3.82 -3.63 1.69
CA PHE A 9 5.27 -3.76 1.79
C PHE A 9 5.82 -2.49 1.13
N GLN A 10 7.15 -2.20 1.26
CA GLN A 10 7.83 -1.01 0.74
C GLN A 10 8.08 -0.94 -0.77
N HIS A 11 7.94 -2.10 -1.45
CA HIS A 11 8.28 -2.28 -2.84
C HIS A 11 7.23 -3.09 -3.59
N LEU A 12 5.92 -2.88 -3.31
CA LEU A 12 4.85 -3.57 -4.05
C LEU A 12 3.72 -2.60 -4.34
N ASP A 13 3.27 -2.46 -5.62
CA ASP A 13 2.21 -1.54 -6.04
C ASP A 13 0.79 -2.13 -5.96
N ASP A 14 0.43 -2.85 -4.84
CA ASP A 14 -0.90 -3.42 -4.59
C ASP A 14 -1.86 -2.43 -3.94
N CYS A 15 -1.62 -1.10 -4.03
CA CYS A 15 -2.38 0.00 -3.48
C CYS A 15 -2.85 0.77 -4.67
N CYS A 16 -4.19 0.97 -4.81
CA CYS A 16 -4.84 1.59 -5.96
C CYS A 16 -4.73 3.12 -6.07
N SER A 17 -4.17 3.72 -4.99
CA SER A 17 -3.76 5.10 -4.82
C SER A 17 -2.28 5.27 -5.18
N ARG A 18 -1.57 4.13 -5.33
CA ARG A 18 -0.16 3.93 -5.70
C ARG A 18 0.85 4.32 -4.63
N LYS A 19 0.53 4.06 -3.34
CA LYS A 19 1.46 4.36 -2.25
C LYS A 19 1.18 3.56 -0.99
N CYS A 20 2.20 2.79 -0.52
CA CYS A 20 2.35 2.15 0.77
C CYS A 20 3.18 3.10 1.65
N ASN A 21 2.97 3.11 2.99
CA ASN A 21 3.75 3.93 3.93
C ASN A 21 4.65 3.08 4.85
N ARG A 22 5.09 3.66 6.01
CA ARG A 22 5.92 3.06 7.07
C ARG A 22 5.19 2.12 8.02
N PHE A 23 3.83 2.22 8.13
CA PHE A 23 2.97 1.29 8.89
C PHE A 23 2.61 0.05 8.05
N ASN A 24 3.10 0.02 6.77
CA ASN A 24 3.00 -0.99 5.71
C ASN A 24 1.60 -1.18 5.19
N LYS A 25 0.90 -0.04 5.08
CA LYS A 25 -0.49 0.05 4.75
C LYS A 25 -0.64 0.95 3.55
N CYS A 26 -1.63 0.68 2.66
CA CYS A 26 -1.97 1.49 1.48
C CYS A 26 -2.58 2.84 1.87
N VAL A 27 -1.98 3.95 1.40
CA VAL A 27 -2.40 5.31 1.74
C VAL A 27 -3.74 5.69 1.02
N CYS A 1 -5.77 -4.07 -7.95
CA CYS A 1 -5.20 -3.04 -7.03
C CYS A 1 -5.80 -3.22 -5.63
N ARG A 2 -5.46 -2.37 -4.64
CA ARG A 2 -5.96 -2.54 -3.28
C ARG A 2 -6.36 -1.21 -2.67
N ILE A 3 -7.35 -1.29 -1.74
CA ILE A 3 -8.09 -0.27 -1.07
C ILE A 3 -7.41 0.41 0.13
N ASN A 5 -6.15 1.75 3.66
CA ASN A 5 -5.89 1.29 5.02
C ASN A 5 -5.78 -0.22 5.13
N GLN A 6 -5.39 -0.90 4.02
CA GLN A 6 -5.14 -2.34 3.97
C GLN A 6 -3.63 -2.51 3.89
N LYS A 7 -3.06 -3.59 4.46
CA LYS A 7 -1.65 -3.92 4.60
C LYS A 7 -0.95 -4.35 3.30
N CYS A 8 0.26 -3.79 3.03
CA CYS A 8 1.08 -4.03 1.83
C CYS A 8 2.52 -4.36 2.15
N PHE A 9 3.43 -3.81 1.33
CA PHE A 9 4.86 -4.00 1.26
C PHE A 9 5.38 -2.72 0.59
N GLN A 10 6.55 -2.18 1.01
CA GLN A 10 7.16 -0.92 0.54
C GLN A 10 7.80 -0.94 -0.86
N HIS A 11 7.63 -2.06 -1.57
CA HIS A 11 8.21 -2.37 -2.87
C HIS A 11 7.27 -3.32 -3.59
N LEU A 12 5.96 -2.96 -3.68
CA LEU A 12 4.93 -3.75 -4.35
C LEU A 12 3.87 -2.71 -4.73
N ASP A 13 3.47 -2.61 -6.01
CA ASP A 13 2.57 -1.59 -6.55
C ASP A 13 1.11 -2.06 -6.59
N ASP A 14 0.70 -2.89 -5.60
CA ASP A 14 -0.63 -3.46 -5.50
C ASP A 14 -1.64 -2.59 -4.78
N CYS A 15 -1.30 -1.33 -4.42
CA CYS A 15 -2.15 -0.34 -3.79
C CYS A 15 -2.71 0.50 -4.91
N CYS A 16 -4.04 0.83 -4.86
CA CYS A 16 -4.80 1.50 -5.91
C CYS A 16 -4.55 2.98 -6.09
N SER A 17 -3.94 3.60 -5.05
CA SER A 17 -3.42 4.97 -5.00
C SER A 17 -2.02 5.02 -5.61
N ARG A 18 -1.24 3.96 -5.34
CA ARG A 18 0.12 3.63 -5.77
C ARG A 18 1.16 4.23 -4.81
N LYS A 19 0.87 4.08 -3.49
CA LYS A 19 1.73 4.52 -2.41
C LYS A 19 1.31 3.74 -1.18
N CYS A 20 2.32 3.21 -0.44
CA CYS A 20 2.20 2.59 0.86
C CYS A 20 2.70 3.62 1.89
N ASN A 21 2.50 3.36 3.20
CA ASN A 21 2.99 4.20 4.29
C ASN A 21 3.98 3.43 5.16
N ARG A 22 4.63 4.19 6.10
CA ARG A 22 5.54 3.79 7.19
C ARG A 22 5.21 2.56 8.05
N PHE A 23 3.91 2.34 8.35
CA PHE A 23 3.32 1.28 9.17
C PHE A 23 3.19 -0.08 8.47
N ASN A 24 3.28 -0.11 7.10
CA ASN A 24 3.18 -1.27 6.20
C ASN A 24 1.81 -1.29 5.51
N LYS A 25 1.10 -0.13 5.52
CA LYS A 25 -0.27 0.02 5.04
C LYS A 25 -0.41 0.81 3.73
N CYS A 26 -1.39 0.44 2.86
CA CYS A 26 -1.81 1.09 1.61
C CYS A 26 -2.60 2.37 1.93
N VAL A 27 -1.95 3.55 1.80
CA VAL A 27 -2.61 4.83 2.05
C VAL A 27 -3.56 5.15 0.86
N CYS A 1 -6.09 -3.68 -8.63
CA CYS A 1 -5.26 -2.81 -7.72
C CYS A 1 -5.59 -3.14 -6.27
N ARG A 2 -4.79 -2.65 -5.27
CA ARG A 2 -5.07 -2.84 -3.85
C ARG A 2 -5.76 -1.63 -3.21
N ILE A 3 -6.72 -1.88 -2.28
CA ILE A 3 -7.57 -0.91 -1.61
C ILE A 3 -6.98 -0.21 -0.37
N ASN A 5 -6.09 1.33 3.33
CA ASN A 5 -5.97 0.87 4.72
C ASN A 5 -5.76 -0.63 4.84
N GLN A 6 -5.29 -1.22 3.72
CA GLN A 6 -4.92 -2.62 3.60
C GLN A 6 -3.41 -2.66 3.69
N LYS A 7 -2.86 -3.73 4.30
CA LYS A 7 -1.48 -3.89 4.68
C LYS A 7 -0.52 -4.25 3.52
N CYS A 8 0.58 -3.46 3.37
CA CYS A 8 1.57 -3.65 2.31
C CYS A 8 3.00 -3.34 2.74
N PHE A 9 3.88 -3.84 1.85
CA PHE A 9 5.31 -3.76 1.74
C PHE A 9 5.46 -2.91 0.48
N GLN A 10 6.47 -1.99 0.46
CA GLN A 10 6.71 -0.93 -0.52
C GLN A 10 6.84 -1.37 -1.97
N HIS A 11 7.59 -2.47 -2.17
CA HIS A 11 7.96 -3.13 -3.40
C HIS A 11 7.15 -4.40 -3.67
N LEU A 12 5.92 -4.56 -3.10
CA LEU A 12 5.09 -5.76 -3.31
C LEU A 12 3.82 -5.44 -4.03
N ASP A 13 3.02 -4.56 -3.40
CA ASP A 13 1.71 -4.14 -3.78
C ASP A 13 1.74 -2.71 -4.25
N ASP A 14 0.82 -2.60 -5.19
CA ASP A 14 0.38 -1.54 -6.02
C ASP A 14 -0.98 -1.11 -5.48
N CYS A 15 -0.96 -0.15 -4.51
CA CYS A 15 -2.14 0.52 -3.92
C CYS A 15 -2.82 1.43 -4.94
N CYS A 16 -4.17 1.37 -5.01
CA CYS A 16 -5.04 2.07 -5.97
C CYS A 16 -5.18 3.59 -5.85
N SER A 17 -4.57 4.15 -4.78
CA SER A 17 -4.41 5.54 -4.44
C SER A 17 -3.00 6.03 -4.79
N ARG A 18 -2.13 5.08 -5.22
CA ARG A 18 -0.74 5.23 -5.64
C ARG A 18 0.27 4.86 -4.55
N LYS A 19 -0.02 5.06 -3.24
CA LYS A 19 1.02 4.95 -2.22
C LYS A 19 0.78 3.96 -1.10
N CYS A 20 1.92 3.34 -0.64
CA CYS A 20 2.13 2.61 0.62
C CYS A 20 2.84 3.61 1.53
N ASN A 21 2.86 3.37 2.86
CA ASN A 21 3.58 4.21 3.81
C ASN A 21 4.43 3.34 4.72
N ARG A 22 5.20 3.97 5.65
CA ARG A 22 6.10 3.32 6.60
C ARG A 22 5.47 2.60 7.80
N PHE A 23 4.12 2.70 8.00
CA PHE A 23 3.37 2.00 9.04
C PHE A 23 2.92 0.59 8.61
N ASN A 24 3.23 0.13 7.34
CA ASN A 24 2.89 -1.17 6.75
C ASN A 24 1.47 -1.19 6.20
N LYS A 25 1.03 -0.08 5.57
CA LYS A 25 -0.33 0.09 5.10
C LYS A 25 -0.39 0.88 3.80
N CYS A 26 -1.40 0.58 2.93
CA CYS A 26 -1.81 1.28 1.70
C CYS A 26 -2.58 2.56 2.08
N VAL A 27 -2.13 3.72 1.55
CA VAL A 27 -2.67 5.04 1.88
C VAL A 27 -4.15 5.26 1.38
N CYS A 1 -6.50 -4.36 -7.92
CA CYS A 1 -5.66 -3.42 -7.10
C CYS A 1 -5.72 -3.81 -5.63
N ARG A 2 -5.46 -2.85 -4.71
CA ARG A 2 -5.61 -3.04 -3.28
C ARG A 2 -6.00 -1.70 -2.68
N ILE A 3 -6.97 -1.69 -1.74
CA ILE A 3 -7.58 -0.48 -1.20
C ILE A 3 -6.84 0.13 0.01
N ASN A 5 -5.44 1.49 3.70
CA ASN A 5 -5.30 0.96 5.05
C ASN A 5 -5.36 -0.56 5.23
N GLN A 6 -5.36 -1.34 4.11
CA GLN A 6 -5.26 -2.79 4.09
C GLN A 6 -3.79 -3.07 3.77
N LYS A 7 -3.15 -3.93 4.59
CA LYS A 7 -1.70 -4.08 4.72
C LYS A 7 -0.82 -4.41 3.50
N CYS A 8 0.24 -3.57 3.26
CA CYS A 8 1.18 -3.66 2.15
C CYS A 8 2.61 -3.96 2.58
N PHE A 9 3.54 -3.65 1.66
CA PHE A 9 4.95 -3.90 1.67
C PHE A 9 5.48 -2.79 0.78
N GLN A 10 6.70 -2.24 1.06
CA GLN A 10 7.34 -1.14 0.33
C GLN A 10 7.83 -1.45 -1.09
N HIS A 11 7.81 -2.76 -1.48
CA HIS A 11 8.12 -3.27 -2.81
C HIS A 11 6.89 -3.56 -3.68
N LEU A 12 5.63 -3.34 -3.22
CA LEU A 12 4.44 -3.76 -3.97
C LEU A 12 3.60 -2.55 -4.37
N ASP A 13 3.59 -2.23 -5.70
CA ASP A 13 2.90 -1.12 -6.35
C ASP A 13 1.48 -1.47 -6.82
N ASP A 14 0.87 -2.51 -6.20
CA ASP A 14 -0.43 -3.07 -6.54
C ASP A 14 -1.53 -2.62 -5.56
N CYS A 15 -1.72 -1.27 -5.46
CA CYS A 15 -2.69 -0.56 -4.64
C CYS A 15 -3.49 0.36 -5.55
N CYS A 16 -4.66 0.85 -5.08
CA CYS A 16 -5.66 1.68 -5.77
C CYS A 16 -5.53 3.16 -5.39
N SER A 17 -4.26 3.53 -5.23
CA SER A 17 -3.72 4.83 -4.85
C SER A 17 -2.30 4.90 -5.37
N ARG A 18 -1.47 3.89 -4.96
CA ARG A 18 -0.09 3.66 -5.39
C ARG A 18 0.98 4.39 -4.59
N LYS A 19 0.78 4.41 -3.26
CA LYS A 19 1.78 4.87 -2.32
C LYS A 19 1.51 4.14 -1.00
N CYS A 20 2.58 3.57 -0.37
CA CYS A 20 2.61 2.88 0.93
C CYS A 20 3.27 3.79 1.97
N ASN A 21 3.14 3.48 3.30
CA ASN A 21 3.78 4.24 4.39
C ASN A 21 4.40 3.28 5.42
N ARG A 22 5.04 3.80 6.51
CA ARG A 22 5.78 3.04 7.52
C ARG A 22 5.04 2.07 8.46
N PHE A 23 3.68 2.10 8.48
CA PHE A 23 2.87 1.17 9.27
C PHE A 23 2.40 -0.01 8.43
N ASN A 24 2.86 -0.06 7.14
CA ASN A 24 2.56 -1.02 6.08
C ASN A 24 1.15 -0.93 5.58
N LYS A 25 0.68 0.31 5.41
CA LYS A 25 -0.62 0.69 4.93
C LYS A 25 -0.46 1.41 3.62
N CYS A 26 -1.41 1.24 2.67
CA CYS A 26 -1.51 1.98 1.41
C CYS A 26 -2.37 3.20 1.67
N VAL A 27 -1.93 4.37 1.15
CA VAL A 27 -2.58 5.64 1.38
C VAL A 27 -3.96 5.74 0.66
N CYS A 1 -5.88 -4.78 -7.06
CA CYS A 1 -5.00 -4.02 -6.14
C CYS A 1 -5.56 -4.11 -4.74
N ARG A 2 -4.86 -3.51 -3.75
CA ARG A 2 -5.25 -3.41 -2.36
C ARG A 2 -6.03 -2.13 -2.09
N ILE A 3 -7.06 -2.14 -1.20
CA ILE A 3 -7.85 -0.95 -0.91
C ILE A 3 -7.18 0.09 0.02
N ASN A 5 -5.99 2.24 2.98
CA ASN A 5 -5.75 2.01 4.40
C ASN A 5 -5.68 0.53 4.78
N GLN A 6 -5.34 -0.34 3.80
CA GLN A 6 -5.22 -1.77 4.04
C GLN A 6 -3.82 -2.19 3.64
N LYS A 7 -3.31 -3.22 4.36
CA LYS A 7 -2.01 -3.86 4.41
C LYS A 7 -1.25 -4.27 3.13
N CYS A 8 0.05 -3.84 3.01
CA CYS A 8 0.94 -4.08 1.87
C CYS A 8 2.40 -4.39 2.25
N PHE A 9 3.28 -4.12 1.27
CA PHE A 9 4.69 -4.37 1.21
C PHE A 9 5.27 -3.13 0.56
N GLN A 10 6.31 -2.49 1.17
CA GLN A 10 6.96 -1.22 0.82
C GLN A 10 7.35 -0.94 -0.64
N HIS A 11 7.74 -2.02 -1.34
CA HIS A 11 8.16 -2.08 -2.72
C HIS A 11 7.05 -2.51 -3.70
N LEU A 12 5.77 -2.64 -3.26
CA LEU A 12 4.69 -3.07 -4.14
C LEU A 12 3.65 -1.96 -4.29
N ASP A 13 3.52 -1.32 -5.51
CA ASP A 13 2.56 -0.24 -5.76
C ASP A 13 1.29 -0.77 -6.41
N ASP A 14 0.84 -1.93 -5.88
CA ASP A 14 -0.37 -2.70 -6.18
C ASP A 14 -1.41 -2.36 -5.13
N CYS A 15 -1.38 -1.07 -4.73
CA CYS A 15 -2.22 -0.34 -3.83
C CYS A 15 -3.08 0.51 -4.73
N CYS A 16 -4.41 0.59 -4.48
CA CYS A 16 -5.37 1.39 -5.25
C CYS A 16 -5.33 2.87 -4.81
N SER A 17 -4.15 3.45 -5.03
CA SER A 17 -3.69 4.76 -4.62
C SER A 17 -2.39 5.08 -5.37
N ARG A 18 -1.39 4.15 -5.33
CA ARG A 18 -0.08 4.16 -5.99
C ARG A 18 1.08 4.18 -4.98
N LYS A 19 0.84 4.00 -3.66
CA LYS A 19 1.91 4.02 -2.67
C LYS A 19 1.50 3.37 -1.36
N CYS A 20 2.54 3.04 -0.55
CA CYS A 20 2.53 2.42 0.78
C CYS A 20 3.20 3.37 1.79
N ASN A 21 3.03 3.09 3.10
CA ASN A 21 3.62 3.86 4.21
C ASN A 21 4.41 2.97 5.17
N ARG A 22 4.92 3.58 6.29
CA ARG A 22 5.76 3.01 7.35
C ARG A 22 5.18 1.89 8.22
N PHE A 23 3.83 1.78 8.24
CA PHE A 23 3.08 0.81 9.02
C PHE A 23 2.67 -0.40 8.18
N ASN A 24 3.09 -0.40 6.88
CA ASN A 24 2.88 -1.41 5.84
C ASN A 24 1.43 -1.50 5.40
N LYS A 25 0.84 -0.30 5.20
CA LYS A 25 -0.50 0.00 4.75
C LYS A 25 -0.39 0.85 3.50
N CYS A 26 -1.40 0.73 2.58
CA CYS A 26 -1.61 1.51 1.35
C CYS A 26 -2.26 2.87 1.65
N VAL A 27 -1.80 3.95 0.97
CA VAL A 27 -2.24 5.33 1.22
C VAL A 27 -3.49 5.79 0.38
N CYS A 1 -5.06 -4.97 -7.06
CA CYS A 1 -4.59 -3.87 -6.15
C CYS A 1 -5.35 -3.93 -4.85
N ARG A 2 -4.85 -3.27 -3.78
CA ARG A 2 -5.54 -3.14 -2.51
C ARG A 2 -6.01 -1.73 -2.25
N ILE A 3 -7.04 -1.61 -1.37
CA ILE A 3 -7.79 -0.40 -1.12
C ILE A 3 -7.26 0.38 0.10
N ASN A 5 -6.24 1.68 3.68
CA ASN A 5 -6.13 1.10 5.04
C ASN A 5 -5.82 -0.37 5.01
N GLN A 6 -5.92 -1.04 3.83
CA GLN A 6 -5.53 -2.43 3.67
C GLN A 6 -4.02 -2.54 3.43
N LYS A 7 -3.42 -3.70 3.80
CA LYS A 7 -1.99 -3.88 3.98
C LYS A 7 -1.17 -4.37 2.78
N CYS A 8 0.03 -3.75 2.61
CA CYS A 8 1.10 -3.97 1.64
C CYS A 8 2.39 -4.24 2.40
N PHE A 9 3.51 -3.95 1.72
CA PHE A 9 4.86 -4.19 2.11
C PHE A 9 5.58 -3.22 1.16
N GLN A 10 6.77 -2.63 1.51
CA GLN A 10 7.48 -1.64 0.67
C GLN A 10 8.18 -2.14 -0.61
N HIS A 11 8.04 -3.45 -0.90
CA HIS A 11 8.45 -4.14 -2.12
C HIS A 11 7.38 -4.16 -3.22
N LEU A 12 6.14 -3.64 -2.97
CA LEU A 12 5.00 -3.78 -3.85
C LEU A 12 4.26 -2.46 -4.12
N ASP A 13 4.09 -2.08 -5.42
CA ASP A 13 3.46 -0.82 -5.85
C ASP A 13 1.96 -0.92 -6.22
N ASP A 14 1.22 -1.95 -5.74
CA ASP A 14 -0.17 -2.21 -6.09
C ASP A 14 -1.18 -1.79 -5.01
N CYS A 15 -1.08 -0.53 -4.58
CA CYS A 15 -2.03 0.17 -3.73
C CYS A 15 -2.84 0.99 -4.69
N CYS A 16 -4.20 0.90 -4.68
CA CYS A 16 -5.05 1.60 -5.66
C CYS A 16 -5.26 3.11 -5.47
N SER A 17 -4.38 3.70 -4.65
CA SER A 17 -4.17 5.08 -4.28
C SER A 17 -2.92 5.65 -4.94
N ARG A 18 -1.94 4.78 -5.36
CA ARG A 18 -0.62 5.06 -5.91
C ARG A 18 0.45 5.10 -4.81
N LYS A 19 0.13 4.73 -3.53
CA LYS A 19 1.11 4.90 -2.47
C LYS A 19 0.92 3.92 -1.33
N CYS A 20 2.03 3.23 -0.94
CA CYS A 20 2.16 2.36 0.22
C CYS A 20 2.89 3.20 1.27
N ASN A 21 2.46 3.10 2.54
CA ASN A 21 2.89 3.78 3.76
C ASN A 21 4.11 3.09 4.37
N ARG A 22 4.77 3.77 5.35
CA ARG A 22 5.95 3.31 6.08
C ARG A 22 5.60 2.27 7.16
N PHE A 23 4.33 2.35 7.62
CA PHE A 23 3.60 1.46 8.51
C PHE A 23 3.09 0.16 7.84
N ASN A 24 3.25 -0.03 6.49
CA ASN A 24 2.85 -1.19 5.68
C ASN A 24 1.41 -1.12 5.17
N LYS A 25 0.77 0.05 5.31
CA LYS A 25 -0.59 0.32 4.88
C LYS A 25 -0.62 0.93 3.47
N CYS A 26 -1.66 0.66 2.64
CA CYS A 26 -1.98 1.35 1.39
C CYS A 26 -2.75 2.60 1.82
N VAL A 27 -2.13 3.78 1.65
CA VAL A 27 -2.62 5.03 2.23
C VAL A 27 -3.52 5.79 1.21
#